data_6G95
#
_entry.id   6G95
#
_cell.length_a   113.970
_cell.length_b   113.970
_cell.length_c   305.660
_cell.angle_alpha   90.00
_cell.angle_beta   90.00
_cell.angle_gamma   120.00
#
_symmetry.space_group_name_H-M   'H 3 2'
#
loop_
_entity.id
_entity.type
_entity.pdbx_description
1 polymer 'Envelope glycoprotein'
2 polymer 'Envelope glycoprotein'
3 branched alpha-D-mannopyranose-(1-6)-beta-D-mannopyranose-(1-4)-2-acetamido-2-deoxy-beta-D-glucopyranose-(1-4)-2-acetamido-2-deoxy-beta-D-glucopyranose
4 non-polymer 2-acetamido-2-deoxy-beta-D-glucopyranose
5 non-polymer GLYCEROL
6 non-polymer 'DIMETHYL SULFOXIDE'
7 non-polymer 10-{2-[(2R)-1-methylpiperidin-2-yl]ethyl}-2-(methylsulfanyl)-10H-phenothiazine
8 water water
#
loop_
_entity_poly.entity_id
_entity_poly.type
_entity_poly.pdbx_seq_one_letter_code
_entity_poly.pdbx_strand_id
1 'polypeptide(L)'
;ETGRSIPLGVIHNSALQVSDVDKLVCRDKLSSTNQLRSVGLNLEGNGVATDVPSATKRWGFRSGVPPKVVNYEAGEWAEN
CYNLEIKKPDGSECLPAAPDGIRGFPRCRYVHKVSGTGPCAGDFAFHKEGAFFLYDRLASTVIYRGTTFAEGVVAFLILP
QAKKDFFSSHPLREPVNATEDPSSGYYSTTIRYQATGFGTNETEYLFEVDNLTYVQLESRFTPQFLLQLNETIYTSGKRS
NTTGKLIWKVNPEIDTTIGEWAFWETKKNLTRKIRSEELSFTVV(UNK)(UNK)(UNK)(UNK)(UNK)(UNK)(UNK)S
THHQDTGEESASSGKLGLITNTIAGVAGLITGGRRTRR
;
A
2 'polypeptide(L)'
;EAIVNAQPKCNPNLHYWTTQDEGAAIGLAWIPYFGPAAEGIYIEGLMHNQDGLICGLRQLANETTQALQLFLRATTELRT
FSILNRKAIDFLLQRWGGTCHILGPDCCIEPADWTKNITDKIDQIIHDFVDGSGYIPEAPRDGQAYVRKDGEWVLLSTFL
GTHHHHHH
;
B
#
loop_
_chem_comp.id
_chem_comp.type
_chem_comp.name
_chem_comp.formula
BMA D-saccharide, beta linking beta-D-mannopyranose 'C6 H12 O6'
DMS non-polymer 'DIMETHYL SULFOXIDE' 'C2 H6 O S'
GOL non-polymer GLYCEROL 'C3 H8 O3'
MAN D-saccharide, alpha linking alpha-D-mannopyranose 'C6 H12 O6'
NAG D-saccharide, beta linking 2-acetamido-2-deoxy-beta-D-glucopyranose 'C8 H15 N O6'
RTZ non-polymer 10-{2-[(2R)-1-methylpiperidin-2-yl]ethyl}-2-(methylsulfanyl)-10H-phenothiazine 'C21 H26 N2 S2'
#
# COMPACT_ATOMS: atom_id res chain seq x y z
N SER A 5 -19.85 5.98 -3.55
CA SER A 5 -19.83 4.53 -3.80
C SER A 5 -18.41 4.09 -4.10
N ILE A 6 -17.95 3.07 -3.37
CA ILE A 6 -16.58 2.61 -3.50
C ILE A 6 -16.36 1.99 -4.88
N PRO A 7 -15.38 2.49 -5.64
CA PRO A 7 -15.17 1.95 -6.99
C PRO A 7 -14.71 0.51 -6.93
N LEU A 8 -15.08 -0.24 -7.95
CA LEU A 8 -14.69 -1.63 -8.15
C LEU A 8 -14.04 -1.76 -9.51
N GLY A 9 -12.80 -2.25 -9.55
CA GLY A 9 -12.11 -2.42 -10.82
C GLY A 9 -12.57 -3.68 -11.53
N VAL A 10 -12.77 -3.55 -12.84
CA VAL A 10 -13.12 -4.70 -13.69
C VAL A 10 -12.39 -4.54 -15.02
N ILE A 11 -12.08 -5.68 -15.63
CA ILE A 11 -11.40 -5.74 -16.92
C ILE A 11 -12.44 -5.92 -18.01
N HIS A 12 -12.49 -4.97 -18.95
CA HIS A 12 -13.31 -5.05 -20.16
C HIS A 12 -12.48 -4.57 -21.33
N ASN A 13 -12.62 -5.26 -22.47
CA ASN A 13 -11.95 -4.89 -23.72
C ASN A 13 -10.45 -4.68 -23.53
N SER A 14 -9.84 -5.60 -22.78
CA SER A 14 -8.39 -5.61 -22.56
C SER A 14 -7.92 -4.38 -21.77
N ALA A 15 -8.79 -3.80 -20.95
CA ALA A 15 -8.41 -2.60 -20.21
C ALA A 15 -9.12 -2.58 -18.86
N LEU A 16 -8.48 -1.95 -17.89
CA LEU A 16 -9.07 -1.81 -16.56
C LEU A 16 -10.06 -0.65 -16.56
N GLN A 17 -11.20 -0.86 -15.91
CA GLN A 17 -12.22 0.17 -15.82
C GLN A 17 -12.83 0.14 -14.42
N VAL A 18 -13.44 1.27 -14.06
CA VAL A 18 -14.27 1.36 -12.86
C VAL A 18 -15.71 1.04 -13.25
N SER A 19 -16.31 0.06 -12.57
N SER A 19 -16.30 0.05 -12.59
CA SER A 19 -17.65 -0.40 -12.94
CA SER A 19 -17.69 -0.32 -12.84
C SER A 19 -18.69 0.69 -12.73
C SER A 19 -18.17 -1.13 -11.64
N ASP A 20 -19.67 0.73 -13.63
N ASP A 20 -19.21 -0.64 -10.96
CA ASP A 20 -20.78 1.67 -13.55
CA ASP A 20 -19.64 -1.25 -9.72
C ASP A 20 -21.88 1.07 -12.69
C ASP A 20 -20.53 -2.47 -9.99
N VAL A 21 -22.25 1.75 -11.61
N VAL A 21 -20.88 -3.16 -8.91
CA VAL A 21 -23.24 1.22 -10.68
CA VAL A 21 -21.59 -4.43 -9.02
C VAL A 21 -24.64 1.24 -11.29
C VAL A 21 -22.92 -4.26 -9.75
N ASP A 22 -24.87 2.04 -12.33
N ASP A 22 -23.66 -3.20 -9.43
CA ASP A 22 -26.18 2.13 -12.97
CA ASP A 22 -24.94 -2.95 -10.09
C ASP A 22 -26.33 1.20 -14.16
C ASP A 22 -24.77 -2.31 -11.45
N LYS A 23 -25.24 0.63 -14.66
N LYS A 23 -23.58 -1.79 -11.76
CA LYS A 23 -25.27 -0.23 -15.84
CA LYS A 23 -23.25 -1.16 -13.02
C LYS A 23 -25.05 -1.67 -15.41
C LYS A 23 -22.65 -2.15 -14.01
N LEU A 24 -25.98 -2.55 -15.77
N LEU A 24 -22.74 -3.44 -13.74
CA LEU A 24 -25.86 -3.98 -15.50
CA LEU A 24 -22.14 -4.47 -14.58
C LEU A 24 -25.21 -4.67 -16.69
C LEU A 24 -23.13 -5.00 -15.61
N VAL A 25 -24.21 -5.51 -16.42
N VAL A 25 -22.59 -5.74 -16.57
CA VAL A 25 -23.54 -6.29 -17.46
CA VAL A 25 -23.37 -6.39 -17.62
C VAL A 25 -23.69 -7.76 -17.08
C VAL A 25 -23.54 -7.85 -17.27
N CYS A 26 -24.66 -8.44 -17.70
CA CYS A 26 -24.91 -9.84 -17.40
C CYS A 26 -23.72 -10.73 -17.77
N ARG A 27 -22.95 -10.36 -18.81
CA ARG A 27 -21.78 -11.14 -19.19
C ARG A 27 -20.75 -11.19 -18.06
N ASP A 28 -20.74 -10.17 -17.19
CA ASP A 28 -19.86 -10.20 -16.03
C ASP A 28 -20.29 -11.32 -15.09
N LYS A 29 -19.35 -12.20 -14.75
CA LYS A 29 -19.63 -13.35 -13.91
C LYS A 29 -18.82 -13.27 -12.62
N LEU A 30 -19.49 -13.38 -11.49
CA LEU A 30 -18.86 -13.49 -10.17
C LEU A 30 -19.30 -14.82 -9.57
N SER A 31 -18.41 -15.81 -9.59
CA SER A 31 -18.77 -17.17 -9.18
C SER A 31 -18.35 -17.50 -7.76
N SER A 32 -17.60 -16.62 -7.09
CA SER A 32 -17.24 -16.84 -5.69
C SER A 32 -16.61 -15.58 -5.15
N THR A 33 -16.73 -15.40 -3.83
CA THR A 33 -16.05 -14.30 -3.15
C THR A 33 -14.54 -14.30 -3.40
N ASN A 34 -13.97 -15.46 -3.76
CA ASN A 34 -12.56 -15.52 -4.13
C ASN A 34 -12.20 -14.66 -5.33
N GLN A 35 -13.16 -14.35 -6.19
CA GLN A 35 -12.91 -13.50 -7.36
C GLN A 35 -12.73 -12.04 -6.99
N LEU A 36 -13.10 -11.65 -5.77
CA LEU A 36 -12.97 -10.28 -5.30
C LEU A 36 -11.66 -10.13 -4.54
N ARG A 37 -10.92 -9.06 -4.81
CA ARG A 37 -9.62 -8.88 -4.20
C ARG A 37 -9.39 -7.42 -3.81
N SER A 38 -8.85 -7.22 -2.63
CA SER A 38 -8.38 -5.91 -2.20
C SER A 38 -6.86 -5.88 -2.26
N VAL A 39 -6.31 -4.79 -2.80
CA VAL A 39 -4.88 -4.68 -3.05
C VAL A 39 -4.37 -3.33 -2.55
N GLY A 40 -3.32 -3.36 -1.74
CA GLY A 40 -2.64 -2.13 -1.33
C GLY A 40 -1.50 -1.81 -2.29
N LEU A 41 -1.53 -0.60 -2.83
CA LEU A 41 -0.50 -0.11 -3.74
C LEU A 41 0.28 1.03 -3.06
N ASN A 42 1.59 1.07 -3.29
CA ASN A 42 2.48 1.97 -2.56
C ASN A 42 2.58 3.30 -3.29
N LEU A 43 2.47 4.41 -2.54
CA LEU A 43 2.70 5.74 -3.10
C LEU A 43 4.04 5.82 -3.81
N GLU A 44 5.06 5.16 -3.26
CA GLU A 44 6.34 4.98 -3.95
C GLU A 44 6.17 4.76 -5.45
N GLY A 45 5.24 3.87 -5.81
CA GLY A 45 5.07 3.50 -7.21
C GLY A 45 4.50 4.58 -8.10
N ASN A 46 4.06 5.71 -7.55
CA ASN A 46 3.59 6.83 -8.35
C ASN A 46 4.63 7.95 -8.48
N GLY A 47 5.85 7.74 -7.98
CA GLY A 47 6.92 8.70 -8.17
C GLY A 47 7.12 9.72 -7.06
N VAL A 48 6.51 9.52 -5.89
CA VAL A 48 6.65 10.50 -4.82
C VAL A 48 8.04 10.38 -4.20
N ALA A 49 8.55 11.52 -3.74
CA ALA A 49 9.81 11.51 -2.99
C ALA A 49 9.69 10.68 -1.73
N THR A 50 10.67 9.81 -1.48
CA THR A 50 10.64 8.87 -0.37
C THR A 50 11.65 9.18 0.73
N ASP A 51 12.57 10.10 0.52
CA ASP A 51 13.50 10.48 1.58
C ASP A 51 12.74 10.97 2.81
N VAL A 52 13.35 10.79 3.97
CA VAL A 52 12.67 11.06 5.24
C VAL A 52 12.19 12.51 5.33
N PRO A 53 12.98 13.51 4.92
CA PRO A 53 12.45 14.89 4.97
C PRO A 53 11.18 15.08 4.16
N SER A 54 11.13 14.56 2.93
CA SER A 54 9.94 14.75 2.09
C SER A 54 8.76 13.94 2.64
N ALA A 55 9.00 12.67 3.00
CA ALA A 55 7.91 11.82 3.45
C ALA A 55 7.23 12.39 4.70
N THR A 56 8.02 12.80 5.70
CA THR A 56 7.41 13.24 6.96
C THR A 56 6.60 14.52 6.79
N LYS A 57 6.87 15.32 5.76
CA LYS A 57 6.06 16.51 5.56
C LYS A 57 4.66 16.20 5.05
N ARG A 58 4.40 14.95 4.66
CA ARG A 58 3.06 14.53 4.24
C ARG A 58 2.18 14.09 5.40
N TRP A 59 2.71 14.04 6.63
CA TRP A 59 1.98 13.57 7.79
C TRP A 59 1.83 14.70 8.80
N GLY A 60 0.73 14.69 9.54
CA GLY A 60 0.46 15.76 10.49
C GLY A 60 -0.52 15.31 11.55
N PHE A 61 -0.47 16.00 12.69
CA PHE A 61 -1.29 15.67 13.83
C PHE A 61 -2.58 16.47 13.84
N ARG A 62 -3.64 15.83 14.33
CA ARG A 62 -4.99 16.37 14.33
C ARG A 62 -5.77 15.66 15.42
N SER A 63 -6.64 16.40 16.10
CA SER A 63 -7.53 15.83 17.10
C SER A 63 -8.97 15.88 16.60
N GLY A 64 -9.84 15.13 17.30
CA GLY A 64 -11.26 15.12 16.99
C GLY A 64 -11.69 14.12 15.93
N VAL A 65 -10.77 13.42 15.29
CA VAL A 65 -11.08 12.47 14.22
C VAL A 65 -10.72 11.07 14.70
N PRO A 66 -11.68 10.18 14.91
CA PRO A 66 -11.37 8.80 15.34
C PRO A 66 -10.61 8.05 14.26
N PRO A 67 -9.59 7.28 14.63
CA PRO A 67 -8.87 6.48 13.63
C PRO A 67 -9.75 5.39 13.04
N LYS A 68 -9.42 4.98 11.82
CA LYS A 68 -10.16 3.93 11.14
C LYS A 68 -9.17 3.00 10.47
N VAL A 69 -9.55 1.72 10.44
CA VAL A 69 -8.74 0.64 9.88
C VAL A 69 -9.58 -0.17 8.92
N VAL A 70 -9.00 -0.50 7.77
CA VAL A 70 -9.64 -1.36 6.78
C VAL A 70 -8.63 -2.40 6.34
N ASN A 71 -9.09 -3.64 6.16
CA ASN A 71 -8.12 -4.66 5.79
C ASN A 71 -7.87 -4.62 4.28
N TYR A 72 -6.78 -5.26 3.87
CA TYR A 72 -6.51 -5.49 2.46
C TYR A 72 -5.71 -6.78 2.38
N GLU A 73 -5.84 -7.48 1.26
CA GLU A 73 -5.41 -8.86 1.15
C GLU A 73 -4.02 -9.02 0.58
N ALA A 74 -3.62 -8.15 -0.34
CA ALA A 74 -2.37 -8.30 -1.07
C ALA A 74 -1.70 -6.93 -1.14
N GLY A 75 -0.38 -6.93 -1.09
CA GLY A 75 0.36 -5.68 -1.13
C GLY A 75 1.56 -5.76 -2.04
N GLU A 76 2.28 -4.66 -2.09
CA GLU A 76 3.44 -4.47 -2.95
C GLU A 76 4.70 -4.41 -2.08
N TRP A 77 5.74 -5.14 -2.48
CA TRP A 77 7.06 -4.96 -1.85
C TRP A 77 7.47 -3.50 -1.92
N ALA A 78 7.86 -2.94 -0.78
CA ALA A 78 8.24 -1.54 -0.69
C ALA A 78 9.77 -1.41 -0.73
N GLU A 79 10.25 -0.41 -1.47
CA GLU A 79 11.62 0.04 -1.28
C GLU A 79 11.78 0.74 0.06
N ASN A 80 10.84 1.62 0.40
CA ASN A 80 10.95 2.49 1.55
C ASN A 80 9.76 2.29 2.48
N CYS A 81 10.05 2.09 3.77
CA CYS A 81 9.08 2.09 4.84
C CYS A 81 9.61 2.97 5.95
N TYR A 82 8.74 3.24 6.93
CA TYR A 82 9.04 4.18 7.99
C TYR A 82 8.57 3.61 9.32
N ASN A 83 9.28 3.99 10.37
CA ASN A 83 9.04 3.48 11.73
C ASN A 83 9.41 4.59 12.70
N LEU A 84 8.44 5.06 13.48
CA LEU A 84 8.50 6.36 14.15
C LEU A 84 8.41 6.19 15.66
N GLU A 85 9.39 6.74 16.38
CA GLU A 85 9.42 6.86 17.85
C GLU A 85 9.57 8.35 18.18
N ILE A 86 8.45 9.06 18.20
CA ILE A 86 8.45 10.51 18.43
C ILE A 86 7.85 10.81 19.80
N LYS A 87 8.51 11.68 20.55
CA LYS A 87 8.02 12.15 21.84
C LYS A 87 7.94 13.67 21.83
N LYS A 88 7.16 14.21 22.76
CA LYS A 88 7.21 15.63 23.01
C LYS A 88 8.46 15.96 23.83
N PRO A 89 8.88 17.23 23.86
CA PRO A 89 10.04 17.58 24.68
C PRO A 89 9.90 17.17 26.14
N ASP A 90 8.67 17.07 26.66
CA ASP A 90 8.46 16.67 28.04
C ASP A 90 8.43 15.14 28.22
N GLY A 91 8.80 14.37 27.20
CA GLY A 91 8.94 12.94 27.33
C GLY A 91 7.71 12.12 27.01
N SER A 92 6.52 12.73 26.98
CA SER A 92 5.32 11.96 26.68
C SER A 92 5.35 11.47 25.24
N GLU A 93 4.74 10.30 25.03
CA GLU A 93 4.69 9.71 23.71
C GLU A 93 3.73 10.48 22.80
N CYS A 94 4.14 10.70 21.55
CA CYS A 94 3.30 11.37 20.57
C CYS A 94 2.39 10.43 19.80
N LEU A 95 2.74 9.15 19.71
CA LEU A 95 2.02 8.18 18.91
C LEU A 95 1.49 7.05 19.78
N PRO A 96 0.32 6.50 19.46
CA PRO A 96 -0.22 5.40 20.26
C PRO A 96 0.47 4.09 19.93
N ALA A 97 0.55 3.22 20.92
CA ALA A 97 0.98 1.84 20.70
C ALA A 97 0.10 1.15 19.66
N ALA A 98 0.72 0.31 18.83
CA ALA A 98 0.01 -0.48 17.84
C ALA A 98 -1.10 -1.31 18.50
N PRO A 99 -2.35 -1.15 18.09
CA PRO A 99 -3.42 -2.04 18.57
C PRO A 99 -3.08 -3.51 18.36
N ASP A 100 -3.71 -4.37 19.16
CA ASP A 100 -3.59 -5.82 19.03
C ASP A 100 -3.86 -6.27 17.59
N GLY A 101 -2.93 -7.04 17.04
CA GLY A 101 -3.07 -7.61 15.73
C GLY A 101 -2.63 -6.72 14.59
N ILE A 102 -2.09 -5.55 14.87
CA ILE A 102 -1.54 -4.69 13.84
C ILE A 102 -0.02 -4.81 13.89
N ARG A 103 0.55 -5.45 12.87
CA ARG A 103 1.98 -5.68 12.73
C ARG A 103 2.52 -4.83 11.60
N GLY A 104 3.85 -4.74 11.54
CA GLY A 104 4.49 -3.93 10.53
C GLY A 104 4.26 -4.46 9.13
N PHE A 105 4.40 -3.55 8.18
CA PHE A 105 4.34 -3.88 6.76
C PHE A 105 5.36 -4.96 6.43
N PRO A 106 4.97 -5.99 5.65
CA PRO A 106 5.76 -7.23 5.61
C PRO A 106 6.98 -7.19 4.70
N ARG A 107 7.10 -6.23 3.79
CA ARG A 107 8.16 -6.28 2.76
C ARG A 107 8.70 -4.88 2.56
N CYS A 108 9.85 -4.61 3.17
CA CYS A 108 10.50 -3.31 3.12
C CYS A 108 11.98 -3.53 2.83
N ARG A 109 12.48 -2.98 1.73
CA ARG A 109 13.92 -3.03 1.50
C ARG A 109 14.66 -2.17 2.52
N TYR A 110 14.12 -0.98 2.82
CA TYR A 110 14.73 -0.06 3.78
C TYR A 110 13.68 0.42 4.76
N VAL A 111 13.95 0.27 6.05
CA VAL A 111 13.09 0.78 7.11
C VAL A 111 13.76 2.02 7.66
N HIS A 112 13.19 3.18 7.39
CA HIS A 112 13.67 4.45 7.92
C HIS A 112 13.07 4.63 9.32
N LYS A 113 13.89 4.38 10.36
CA LYS A 113 13.41 4.42 11.74
C LYS A 113 13.81 5.77 12.33
N VAL A 114 12.81 6.59 12.67
CA VAL A 114 13.02 7.97 13.10
C VAL A 114 12.67 8.05 14.59
N SER A 115 13.63 8.53 15.38
CA SER A 115 13.43 8.84 16.79
C SER A 115 13.69 10.32 17.02
N GLY A 116 12.93 10.93 17.90
CA GLY A 116 13.19 12.33 18.19
C GLY A 116 12.00 12.99 18.84
N THR A 117 11.91 14.30 18.64
CA THR A 117 10.91 15.11 19.33
C THR A 117 10.24 16.08 18.37
N GLY A 118 9.04 16.47 18.75
CA GLY A 118 8.28 17.48 18.06
C GLY A 118 7.17 17.96 18.98
N PRO A 119 6.48 19.02 18.58
CA PRO A 119 5.36 19.50 19.42
C PRO A 119 4.15 18.57 19.35
N CYS A 120 3.92 17.87 18.24
CA CYS A 120 2.87 16.87 18.14
C CYS A 120 1.51 17.44 18.58
N ALA A 121 1.09 18.51 17.91
CA ALA A 121 -0.10 19.25 18.33
C ALA A 121 -1.35 18.59 17.75
N GLY A 122 -1.68 17.43 18.31
CA GLY A 122 -2.84 16.65 17.89
C GLY A 122 -2.80 15.22 18.41
N ASP A 123 -3.97 14.61 18.60
CA ASP A 123 -4.02 13.28 19.20
C ASP A 123 -3.51 12.18 18.27
N PHE A 124 -3.69 12.33 16.96
CA PHE A 124 -3.26 11.29 16.02
C PHE A 124 -2.57 11.93 14.83
N ALA A 125 -1.64 11.18 14.24
CA ALA A 125 -0.94 11.61 13.04
C ALA A 125 -1.63 10.96 11.84
N PHE A 126 -2.06 11.79 10.90
CA PHE A 126 -2.77 11.39 9.69
C PHE A 126 -1.94 11.71 8.47
N HIS A 127 -2.36 11.17 7.34
CA HIS A 127 -1.75 11.51 6.06
C HIS A 127 -2.42 12.76 5.51
N LYS A 128 -1.62 13.80 5.23
CA LYS A 128 -2.17 15.07 4.79
C LYS A 128 -2.78 15.00 3.40
N GLU A 129 -2.45 13.99 2.61
CA GLU A 129 -3.02 13.83 1.28
C GLU A 129 -4.14 12.80 1.26
N GLY A 130 -4.56 12.33 2.43
CA GLY A 130 -5.64 11.37 2.52
C GLY A 130 -5.25 9.95 2.21
N ALA A 131 -3.95 9.67 2.03
CA ALA A 131 -3.54 8.31 1.80
C ALA A 131 -3.57 7.53 3.11
N PHE A 132 -3.24 6.25 3.03
CA PHE A 132 -3.26 5.39 4.19
C PHE A 132 -1.83 5.02 4.59
N PHE A 133 -1.72 4.62 5.85
CA PHE A 133 -0.52 3.97 6.36
C PHE A 133 -0.79 2.48 6.30
N LEU A 134 -0.01 1.78 5.48
CA LEU A 134 -0.23 0.35 5.26
C LEU A 134 0.62 -0.44 6.23
N TYR A 135 -0.02 -1.28 7.01
CA TYR A 135 0.60 -2.22 7.93
C TYR A 135 0.45 -3.63 7.35
N ASP A 136 0.50 -4.64 8.21
CA ASP A 136 0.38 -6.03 7.73
C ASP A 136 -1.07 -6.34 7.39
N ARG A 137 -1.44 -6.12 6.13
CA ARG A 137 -2.78 -6.45 5.62
C ARG A 137 -3.88 -5.65 6.31
N LEU A 138 -3.49 -4.56 6.98
CA LEU A 138 -4.44 -3.61 7.54
C LEU A 138 -3.93 -2.23 7.19
N ALA A 139 -4.82 -1.40 6.64
CA ALA A 139 -4.53 -0.02 6.30
C ALA A 139 -5.20 0.87 7.33
N SER A 140 -4.46 1.84 7.85
CA SER A 140 -4.97 2.72 8.88
C SER A 140 -4.86 4.17 8.43
N THR A 141 -5.77 5.00 8.94
CA THR A 141 -5.67 6.44 8.72
C THR A 141 -4.61 7.11 9.58
N VAL A 142 -4.04 6.42 10.57
CA VAL A 142 -3.12 7.06 11.51
C VAL A 142 -1.86 6.20 11.70
N ILE A 143 -0.84 6.86 12.26
CA ILE A 143 0.47 6.23 12.48
C ILE A 143 0.53 5.65 13.88
N TYR A 144 0.96 4.40 13.98
CA TYR A 144 1.18 3.77 15.28
C TYR A 144 2.66 3.81 15.64
N ARG A 145 2.92 3.88 16.94
CA ARG A 145 4.27 4.04 17.45
C ARG A 145 5.13 2.84 17.10
N GLY A 146 6.35 3.10 16.65
CA GLY A 146 7.34 2.04 16.47
C GLY A 146 6.87 0.89 15.60
N THR A 147 6.00 1.17 14.64
CA THR A 147 5.38 0.14 13.82
C THR A 147 5.62 0.48 12.36
N THR A 148 6.28 -0.42 11.65
CA THR A 148 6.73 -0.17 10.29
C THR A 148 5.56 -0.09 9.32
N PHE A 149 5.52 0.97 8.51
CA PHE A 149 4.44 1.17 7.55
C PHE A 149 5.01 1.64 6.22
N ALA A 150 4.21 1.41 5.19
CA ALA A 150 4.39 1.99 3.87
C ALA A 150 3.20 2.89 3.59
N GLU A 151 3.44 4.02 2.93
CA GLU A 151 2.37 4.89 2.50
C GLU A 151 1.71 4.30 1.27
N GLY A 152 0.38 4.25 1.27
CA GLY A 152 -0.27 3.71 0.09
C GLY A 152 -1.77 3.92 0.09
N VAL A 153 -2.41 3.23 -0.87
CA VAL A 153 -3.83 3.33 -1.13
C VAL A 153 -4.34 1.97 -1.57
N VAL A 154 -5.66 1.77 -1.42
CA VAL A 154 -6.28 0.47 -1.62
C VAL A 154 -7.19 0.50 -2.86
N ALA A 155 -7.15 -0.59 -3.63
CA ALA A 155 -8.04 -0.83 -4.76
C ALA A 155 -8.84 -2.11 -4.53
N PHE A 156 -10.03 -2.16 -5.12
CA PHE A 156 -10.91 -3.31 -5.05
C PHE A 156 -11.19 -3.81 -6.46
N LEU A 157 -11.07 -5.12 -6.67
CA LEU A 157 -11.17 -5.70 -8.01
C LEU A 157 -12.08 -6.91 -8.04
N ILE A 158 -12.66 -7.14 -9.22
CA ILE A 158 -13.22 -8.42 -9.61
C ILE A 158 -12.22 -9.06 -10.55
N LEU A 159 -11.65 -10.18 -10.16
CA LEU A 159 -10.77 -10.90 -11.06
C LEU A 159 -11.58 -11.60 -12.15
N PRO A 160 -11.01 -11.73 -13.35
CA PRO A 160 -11.60 -12.65 -14.34
C PRO A 160 -11.53 -14.08 -13.81
N GLN A 161 -12.48 -14.91 -14.26
CA GLN A 161 -12.59 -16.26 -13.74
C GLN A 161 -11.33 -17.09 -13.95
N ALA A 162 -10.50 -16.75 -14.92
CA ALA A 162 -9.25 -17.46 -15.14
C ALA A 162 -8.11 -16.49 -15.48
N SER A 184 14.93 -14.65 -5.89
CA SER A 184 15.57 -13.76 -4.94
C SER A 184 14.82 -13.77 -3.60
N GLY A 185 15.59 -13.71 -2.51
CA GLY A 185 15.01 -13.72 -1.18
C GLY A 185 14.56 -12.34 -0.74
N TYR A 186 14.41 -12.18 0.58
CA TYR A 186 13.91 -10.95 1.16
C TYR A 186 14.92 -10.41 2.15
N TYR A 187 15.51 -9.25 1.83
CA TYR A 187 16.47 -8.58 2.67
C TYR A 187 15.90 -7.22 3.08
N SER A 188 16.07 -6.87 4.36
CA SER A 188 15.61 -5.59 4.89
C SER A 188 16.76 -4.92 5.65
N THR A 189 16.86 -3.60 5.53
CA THR A 189 17.92 -2.86 6.20
C THR A 189 17.32 -1.67 6.93
N THR A 190 17.68 -1.53 8.19
CA THR A 190 17.16 -0.46 9.03
C THR A 190 18.11 0.73 8.98
N ILE A 191 17.57 1.90 8.69
CA ILE A 191 18.33 3.14 8.62
C ILE A 191 17.76 4.06 9.68
N ARG A 192 18.59 4.42 10.67
CA ARG A 192 18.17 5.11 11.88
C ARG A 192 18.48 6.59 11.78
N TYR A 193 17.49 7.42 12.17
CA TYR A 193 17.66 8.85 12.19
C TYR A 193 17.25 9.43 13.54
N GLN A 194 17.83 10.58 13.87
CA GLN A 194 17.36 11.44 14.94
C GLN A 194 16.69 12.65 14.34
N ALA A 195 15.69 13.18 15.05
CA ALA A 195 14.92 14.31 14.55
C ALA A 195 14.60 15.26 15.69
N THR A 196 14.64 16.56 15.39
CA THR A 196 14.12 17.59 16.27
C THR A 196 13.08 18.41 15.50
N GLY A 197 12.16 19.01 16.25
CA GLY A 197 11.07 19.74 15.63
C GLY A 197 10.30 18.90 14.63
N PHE A 198 10.09 17.63 14.95
CA PHE A 198 9.37 16.75 14.04
C PHE A 198 7.96 17.28 13.77
N GLY A 199 7.56 17.23 12.50
CA GLY A 199 6.23 17.68 12.16
C GLY A 199 6.01 19.18 12.11
N THR A 200 7.07 19.97 11.88
CA THR A 200 6.92 21.42 11.77
C THR A 200 7.64 21.97 10.55
N ASN A 201 7.69 23.30 10.44
CA ASN A 201 8.33 23.93 9.30
C ASN A 201 9.85 23.80 9.35
N GLU A 202 10.44 23.74 10.56
CA GLU A 202 11.89 23.68 10.75
C GLU A 202 12.24 22.38 11.46
N THR A 203 12.26 21.27 10.72
CA THR A 203 12.63 19.97 11.24
C THR A 203 14.07 19.66 10.85
N GLU A 204 14.86 19.16 11.80
CA GLU A 204 16.24 18.79 11.56
C GLU A 204 16.41 17.29 11.71
N TYR A 205 17.15 16.69 10.78
CA TYR A 205 17.34 15.26 10.73
C TYR A 205 18.83 14.91 10.73
N LEU A 206 19.19 13.90 11.49
CA LEU A 206 20.53 13.36 11.53
C LEU A 206 20.47 11.87 11.19
N PHE A 207 21.25 11.44 10.22
CA PHE A 207 21.49 10.02 10.01
C PHE A 207 22.49 9.52 11.06
N GLU A 208 22.19 8.34 11.62
CA GLU A 208 22.96 7.79 12.74
C GLU A 208 23.96 6.75 12.24
N VAL A 209 25.24 7.00 12.47
CA VAL A 209 26.28 6.03 12.14
C VAL A 209 26.52 5.09 13.31
N ASP A 210 26.74 5.66 14.49
CA ASP A 210 26.66 4.95 15.76
C ASP A 210 26.04 5.91 16.77
N ASN A 211 26.02 5.52 18.04
CA ASN A 211 25.34 6.35 19.03
C ASN A 211 26.03 7.69 19.26
N LEU A 212 27.24 7.88 18.74
CA LEU A 212 27.96 9.13 18.89
C LEU A 212 28.39 9.77 17.58
N THR A 213 28.10 9.15 16.43
CA THR A 213 28.47 9.69 15.13
C THR A 213 27.22 9.87 14.27
N TYR A 214 26.99 11.09 13.81
CA TYR A 214 25.82 11.41 12.99
C TYR A 214 26.24 12.18 11.75
N VAL A 215 25.33 12.24 10.80
CA VAL A 215 25.50 13.00 9.56
C VAL A 215 24.26 13.86 9.38
N GLN A 216 24.45 15.16 9.17
CA GLN A 216 23.33 16.02 8.84
C GLN A 216 22.64 15.48 7.59
N LEU A 217 21.34 15.24 7.68
CA LEU A 217 20.59 14.63 6.59
C LEU A 217 20.09 15.69 5.62
N GLU A 218 20.14 15.36 4.33
CA GLU A 218 19.54 16.18 3.29
C GLU A 218 18.62 15.31 2.43
N SER A 219 17.64 15.97 1.81
CA SER A 219 16.65 15.27 1.00
C SER A 219 17.27 14.48 -0.14
N ARG A 220 18.42 14.95 -0.65
CA ARG A 220 19.03 14.33 -1.82
C ARG A 220 19.71 13.00 -1.50
N PHE A 221 19.87 12.65 -0.22
CA PHE A 221 20.57 11.43 0.14
C PHE A 221 19.64 10.23 -0.05
N THR A 222 19.99 9.34 -0.97
CA THR A 222 19.27 8.09 -1.17
C THR A 222 19.65 7.08 -0.08
N PRO A 223 18.84 6.03 0.09
CA PRO A 223 19.23 4.97 1.06
C PRO A 223 20.59 4.37 0.76
N GLN A 224 20.85 4.04 -0.51
CA GLN A 224 22.13 3.44 -0.87
C GLN A 224 23.29 4.37 -0.55
N PHE A 225 23.12 5.67 -0.79
CA PHE A 225 24.17 6.62 -0.46
C PHE A 225 24.41 6.65 1.06
N LEU A 226 23.33 6.63 1.84
CA LEU A 226 23.49 6.62 3.28
C LEU A 226 24.26 5.38 3.76
N LEU A 227 23.91 4.21 3.22
CA LEU A 227 24.59 2.99 3.63
C LEU A 227 26.06 3.00 3.20
N GLN A 228 26.36 3.56 2.01
CA GLN A 228 27.74 3.62 1.56
C GLN A 228 28.53 4.67 2.35
N LEU A 229 27.90 5.79 2.67
CA LEU A 229 28.55 6.78 3.54
C LEU A 229 28.86 6.17 4.90
N ASN A 230 27.87 5.48 5.48
CA ASN A 230 28.08 4.82 6.76
C ASN A 230 29.25 3.85 6.69
N GLU A 231 29.30 3.02 5.65
CA GLU A 231 30.37 2.03 5.53
C GLU A 231 31.73 2.70 5.37
N THR A 232 31.78 3.82 4.64
CA THR A 232 33.04 4.55 4.48
C THR A 232 33.52 5.11 5.81
N ILE A 233 32.60 5.61 6.64
CA ILE A 233 32.98 6.21 7.91
C ILE A 233 33.55 5.14 8.84
N TYR A 234 33.02 3.92 8.77
CA TYR A 234 33.56 2.84 9.59
C TYR A 234 34.93 2.40 9.10
N THR A 235 35.13 2.33 7.78
CA THR A 235 36.40 1.87 7.23
C THR A 235 37.46 2.97 7.27
N SER A 236 37.10 4.20 6.91
CA SER A 236 38.05 5.30 7.02
C SER A 236 38.34 5.69 8.46
N GLY A 237 37.66 5.07 9.42
CA GLY A 237 37.87 5.38 10.82
C GLY A 237 37.43 6.77 11.22
N LYS A 238 36.29 7.23 10.72
CA LYS A 238 35.81 8.58 10.97
C LYS A 238 34.71 8.61 12.03
N ARG A 239 34.63 7.58 12.87
CA ARG A 239 33.73 7.60 14.01
C ARG A 239 34.35 8.37 15.16
N SER A 240 33.49 8.76 16.11
CA SER A 240 33.91 9.51 17.28
C SER A 240 34.88 8.67 18.12
N ASN A 241 36.01 9.28 18.53
CA ASN A 241 36.92 8.64 19.49
C ASN A 241 36.69 9.10 20.91
N THR A 242 35.67 9.91 21.17
CA THR A 242 35.47 10.48 22.49
C THR A 242 34.06 10.18 22.97
N THR A 243 33.75 10.67 24.17
CA THR A 243 32.41 10.57 24.72
C THR A 243 31.43 11.54 24.07
N GLY A 244 31.94 12.52 23.30
CA GLY A 244 31.10 13.54 22.72
C GLY A 244 30.53 13.18 21.36
N LYS A 245 29.55 13.98 20.94
CA LYS A 245 28.78 13.71 19.74
C LYS A 245 29.47 14.31 18.53
N LEU A 246 29.70 13.50 17.50
CA LEU A 246 30.32 13.94 16.26
C LEU A 246 29.27 13.95 15.15
N ILE A 247 29.08 15.11 14.55
CA ILE A 247 28.13 15.30 13.44
C ILE A 247 28.93 15.71 12.22
N TRP A 248 28.86 14.90 11.16
CA TRP A 248 29.49 15.21 9.90
C TRP A 248 28.51 15.93 8.97
N LYS A 249 29.04 16.86 8.18
CA LYS A 249 28.27 17.58 7.19
C LYS A 249 28.86 17.33 5.80
N VAL A 250 27.99 17.08 4.85
CA VAL A 250 28.34 16.85 3.45
C VAL A 250 28.23 18.18 2.71
N ASN A 251 29.30 18.56 2.02
CA ASN A 251 29.16 19.78 1.24
C ASN A 251 28.40 19.50 -0.04
N PRO A 252 27.56 20.44 -0.50
CA PRO A 252 26.77 20.21 -1.72
C PRO A 252 27.61 19.79 -2.93
N GLU A 253 28.93 19.91 -2.85
CA GLU A 253 29.78 19.53 -3.98
C GLU A 253 29.49 18.12 -4.47
N ILE A 254 29.32 17.18 -3.55
CA ILE A 254 29.16 15.77 -3.88
C ILE A 254 27.68 15.48 -4.06
N ASP A 255 27.29 15.02 -5.24
CA ASP A 255 25.90 14.76 -5.57
C ASP A 255 25.50 13.34 -5.14
N THR A 256 24.28 12.96 -5.46
CA THR A 256 23.74 11.66 -5.09
C THR A 256 22.54 11.30 -5.97
N GLU A 260 16.93 12.78 -11.39
CA GLU A 260 15.73 12.50 -10.62
C GLU A 260 14.98 11.28 -11.16
N TRP A 261 15.56 10.10 -10.95
CA TRP A 261 15.01 8.84 -11.42
C TRP A 261 14.43 8.05 -10.26
N ALA A 262 13.37 7.30 -10.56
CA ALA A 262 12.71 6.47 -9.57
C ALA A 262 13.55 5.24 -9.26
N PHE A 263 13.27 4.62 -8.10
CA PHE A 263 14.13 3.53 -7.64
C PHE A 263 14.10 2.33 -8.58
N TRP A 264 13.01 2.14 -9.33
CA TRP A 264 12.88 0.96 -10.17
C TRP A 264 13.52 1.10 -11.53
N GLU A 265 13.92 2.30 -11.93
CA GLU A 265 14.45 2.51 -13.28
C GLU A 265 15.95 2.80 -13.29
N THR A 266 16.62 2.66 -12.15
CA THR A 266 18.07 2.82 -12.09
C THR A 266 18.73 1.55 -11.56
N SER A 276 33.96 3.78 -3.04
CA SER A 276 35.36 4.15 -3.19
C SER A 276 35.79 5.13 -2.11
N GLU A 277 37.09 5.37 -2.01
CA GLU A 277 37.65 6.27 -1.01
C GLU A 277 38.24 7.50 -1.71
N GLU A 278 37.34 8.30 -2.28
CA GLU A 278 37.70 9.58 -2.89
C GLU A 278 37.34 10.77 -2.03
N LEU A 279 36.60 10.56 -0.94
CA LEU A 279 36.13 11.63 -0.08
C LEU A 279 37.21 12.04 0.92
N SER A 280 37.11 13.28 1.41
CA SER A 280 38.02 13.80 2.41
C SER A 280 37.25 14.18 3.66
N PHE A 281 37.82 13.86 4.82
CA PHE A 281 37.18 14.09 6.11
C PHE A 281 38.07 15.00 6.95
N THR A 282 37.53 16.13 7.38
CA THR A 282 38.27 17.10 8.18
C THR A 282 37.41 17.60 9.32
N VAL A 283 38.02 17.75 10.49
CA VAL A 283 37.31 18.19 11.69
C VAL A 283 37.41 19.70 11.79
N VAL A 284 36.24 20.37 11.80
CA VAL A 284 36.18 21.81 11.93
C VAL A 284 36.43 22.23 13.37
N UNK A 285 29.49 18.53 21.60
CA UNK A 285 29.20 18.70 20.18
C UNK A 285 30.49 18.96 19.39
N UNK A 286 30.52 18.51 18.15
CA UNK A 286 31.68 18.67 17.28
C UNK A 286 31.30 18.53 15.82
N UNK A 287 31.05 19.67 15.17
CA UNK A 287 30.70 19.67 13.75
C UNK A 287 31.93 19.37 12.90
N UNK A 288 31.70 19.08 11.63
CA UNK A 288 32.78 18.74 10.72
C UNK A 288 32.25 18.65 9.29
N UNK A 289 33.16 18.59 8.33
CA UNK A 289 32.79 18.62 6.92
C UNK A 289 33.42 17.45 6.16
N UNK A 290 32.72 16.95 5.16
CA UNK A 290 33.26 15.91 4.29
C UNK A 290 33.34 16.44 2.86
N UNK A 291 34.55 16.46 2.32
CA UNK A 291 34.79 17.03 1.00
C UNK A 291 35.67 16.12 0.17
N GLU B 1 -16.67 3.62 -16.43
CA GLU B 1 -15.80 4.78 -16.52
C GLU B 1 -14.37 4.31 -16.75
N ALA B 2 -13.66 4.97 -17.66
CA ALA B 2 -12.29 4.58 -17.99
C ALA B 2 -11.32 5.06 -16.92
N ILE B 3 -10.25 4.28 -16.72
CA ILE B 3 -9.20 4.60 -15.76
C ILE B 3 -8.02 5.19 -16.54
N VAL B 4 -7.67 6.44 -16.25
CA VAL B 4 -6.56 7.11 -16.93
C VAL B 4 -5.53 7.51 -15.87
N ASN B 5 -4.36 6.89 -15.92
CA ASN B 5 -3.32 7.17 -14.94
C ASN B 5 -2.85 8.62 -15.09
N ALA B 6 -2.96 9.39 -14.00
CA ALA B 6 -2.63 10.81 -13.99
C ALA B 6 -1.58 11.14 -12.94
N GLN B 7 -0.66 10.17 -12.65
CA GLN B 7 0.40 10.22 -11.66
C GLN B 7 1.70 10.73 -12.28
N PRO B 8 2.59 11.34 -11.49
CA PRO B 8 3.88 11.76 -12.05
C PRO B 8 4.66 10.62 -12.67
N LYS B 9 4.56 9.40 -12.11
CA LYS B 9 5.27 8.24 -12.62
C LYS B 9 4.41 7.00 -12.43
N CYS B 10 4.81 5.93 -13.08
CA CYS B 10 4.19 4.63 -12.91
C CYS B 10 5.29 3.58 -12.80
N ASN B 11 5.32 2.86 -11.70
CA ASN B 11 6.14 1.65 -11.71
C ASN B 11 5.36 0.60 -12.48
N PRO B 12 5.79 0.22 -13.69
CA PRO B 12 4.96 -0.66 -14.54
C PRO B 12 4.94 -2.11 -14.09
N ASN B 13 5.77 -2.50 -13.14
CA ASN B 13 5.77 -3.85 -12.62
C ASN B 13 5.35 -3.86 -11.15
N LEU B 14 4.68 -4.93 -10.76
CA LEU B 14 4.11 -5.06 -9.42
C LEU B 14 4.68 -6.31 -8.77
N HIS B 15 5.68 -6.12 -7.92
CA HIS B 15 6.22 -7.20 -7.10
C HIS B 15 5.35 -7.29 -5.86
N TYR B 16 4.48 -8.31 -5.80
CA TYR B 16 3.46 -8.34 -4.77
C TYR B 16 3.73 -9.43 -3.73
N TRP B 17 3.12 -9.24 -2.58
CA TRP B 17 3.03 -10.25 -1.54
C TRP B 17 1.57 -10.45 -1.19
N THR B 18 1.22 -11.67 -0.84
CA THR B 18 -0.09 -11.97 -0.31
C THR B 18 0.00 -13.24 0.52
N THR B 19 -1.13 -13.70 1.03
CA THR B 19 -1.22 -14.98 1.70
C THR B 19 -2.05 -15.93 0.84
N GLN B 20 -1.92 -17.22 1.10
CA GLN B 20 -2.76 -18.22 0.47
C GLN B 20 -3.73 -18.78 1.50
N ASP B 21 -5.02 -18.71 1.19
CA ASP B 21 -6.04 -19.10 2.16
C ASP B 21 -5.84 -20.54 2.62
N GLU B 22 -5.53 -21.46 1.70
CA GLU B 22 -5.27 -22.86 2.04
C GLU B 22 -4.16 -23.42 1.14
N GLY B 23 -2.93 -23.01 1.42
CA GLY B 23 -1.79 -23.59 0.74
C GLY B 23 -1.67 -25.08 1.01
N ALA B 24 -1.44 -25.87 -0.03
CA ALA B 24 -1.31 -27.31 0.12
C ALA B 24 -0.28 -27.63 1.21
N ALA B 25 -0.74 -27.80 2.44
CA ALA B 25 0.16 -27.96 3.57
C ALA B 25 1.09 -29.16 3.36
N ILE B 26 2.34 -28.99 3.77
CA ILE B 26 3.35 -30.04 3.70
C ILE B 26 3.51 -30.63 5.10
N GLY B 27 3.03 -31.86 5.28
CA GLY B 27 3.11 -32.51 6.57
C GLY B 27 2.30 -31.82 7.65
N LEU B 28 2.96 -31.41 8.73
CA LEU B 28 2.31 -30.77 9.86
C LEU B 28 2.42 -29.24 9.81
N ALA B 29 2.91 -28.68 8.71
CA ALA B 29 3.13 -27.25 8.64
C ALA B 29 1.86 -26.43 8.86
N TRP B 30 0.68 -27.06 8.81
CA TRP B 30 -0.58 -26.35 8.97
C TRP B 30 -0.95 -26.16 10.43
N ILE B 31 -0.36 -26.95 11.33
CA ILE B 31 -0.57 -26.87 12.76
C ILE B 31 0.10 -25.59 13.28
N PRO B 32 -0.65 -24.64 13.85
CA PRO B 32 -0.02 -23.39 14.30
C PRO B 32 1.25 -23.60 15.13
N TYR B 33 1.25 -24.59 16.03
CA TYR B 33 2.39 -24.81 16.91
C TYR B 33 3.66 -25.10 16.12
N PHE B 34 3.55 -25.84 15.02
CA PHE B 34 4.70 -26.24 14.22
C PHE B 34 4.94 -25.33 13.02
N GLY B 35 3.97 -24.51 12.63
CA GLY B 35 4.03 -23.82 11.36
C GLY B 35 4.86 -22.55 11.38
N PRO B 36 4.83 -21.82 10.27
CA PRO B 36 5.61 -20.59 10.16
C PRO B 36 5.16 -19.54 11.17
N ALA B 37 6.08 -18.63 11.49
CA ALA B 37 5.79 -17.44 12.26
C ALA B 37 5.17 -16.38 11.34
N ALA B 38 4.68 -15.30 11.96
CA ALA B 38 3.98 -14.25 11.21
C ALA B 38 4.75 -13.83 9.96
N GLU B 39 6.08 -13.72 10.06
CA GLU B 39 6.87 -13.25 8.93
C GLU B 39 6.92 -14.24 7.77
N GLY B 40 6.68 -15.53 8.02
CA GLY B 40 6.89 -16.54 7.00
C GLY B 40 5.62 -17.10 6.37
N ILE B 41 4.50 -16.38 6.42
CA ILE B 41 3.24 -16.87 5.85
C ILE B 41 2.98 -16.32 4.46
N TYR B 42 3.89 -15.54 3.91
CA TYR B 42 3.62 -14.78 2.70
C TYR B 42 4.11 -15.53 1.46
N ILE B 43 3.37 -15.40 0.37
CA ILE B 43 3.87 -15.76 -0.95
C ILE B 43 4.12 -14.47 -1.72
N GLU B 44 4.87 -14.59 -2.80
CA GLU B 44 5.25 -13.45 -3.63
C GLU B 44 4.97 -13.79 -5.09
N GLY B 45 4.91 -12.75 -5.91
CA GLY B 45 4.79 -12.91 -7.34
C GLY B 45 5.14 -11.60 -8.01
N LEU B 46 5.31 -11.67 -9.34
CA LEU B 46 5.72 -10.51 -10.14
C LEU B 46 4.79 -10.39 -11.33
N MET B 47 4.14 -9.24 -11.48
CA MET B 47 3.24 -9.00 -12.60
C MET B 47 3.70 -7.79 -13.39
N HIS B 48 3.59 -7.91 -14.71
CA HIS B 48 3.98 -6.88 -15.65
C HIS B 48 2.75 -6.16 -16.20
N ASN B 49 2.99 -5.08 -16.93
CA ASN B 49 1.95 -4.13 -17.33
C ASN B 49 1.22 -4.55 -18.61
N GLN B 50 0.97 -5.85 -18.80
CA GLN B 50 0.16 -6.28 -19.92
CA GLN B 50 0.16 -6.26 -19.93
C GLN B 50 -1.21 -5.63 -19.84
N ASP B 51 -1.72 -5.17 -21.00
CA ASP B 51 -2.98 -4.45 -21.06
C ASP B 51 -2.99 -3.19 -20.20
N GLY B 52 -1.83 -2.72 -19.75
CA GLY B 52 -1.80 -1.55 -18.90
C GLY B 52 -2.43 -1.75 -17.53
N LEU B 53 -2.56 -2.99 -17.07
CA LEU B 53 -3.27 -3.26 -15.83
C LEU B 53 -2.57 -2.65 -14.62
N ILE B 54 -1.23 -2.64 -14.61
CA ILE B 54 -0.52 -2.17 -13.41
C ILE B 54 -0.67 -0.67 -13.26
N CYS B 55 -0.46 0.09 -14.34
CA CYS B 55 -0.65 1.53 -14.25
C CYS B 55 -2.12 1.88 -14.02
N GLY B 56 -3.04 1.14 -14.66
CA GLY B 56 -4.44 1.33 -14.34
C GLY B 56 -4.72 1.06 -12.87
N LEU B 57 -4.15 -0.01 -12.34
CA LEU B 57 -4.39 -0.38 -10.94
C LEU B 57 -3.88 0.70 -9.98
N ARG B 58 -2.69 1.23 -10.24
CA ARG B 58 -2.18 2.30 -9.38
C ARG B 58 -3.13 3.49 -9.40
N GLN B 59 -3.68 3.82 -10.57
CA GLN B 59 -4.61 4.93 -10.68
C GLN B 59 -5.94 4.58 -9.98
N LEU B 60 -6.41 3.35 -10.13
CA LEU B 60 -7.66 2.95 -9.48
C LEU B 60 -7.56 3.10 -7.96
N ALA B 61 -6.51 2.55 -7.36
CA ALA B 61 -6.33 2.68 -5.92
C ALA B 61 -6.30 4.15 -5.50
N ASN B 62 -5.58 4.97 -6.26
CA ASN B 62 -5.56 6.40 -6.00
C ASN B 62 -6.98 6.98 -6.01
N GLU B 63 -7.73 6.72 -7.07
CA GLU B 63 -9.08 7.27 -7.21
C GLU B 63 -10.08 6.70 -6.21
N THR B 64 -9.83 5.49 -5.70
CA THR B 64 -10.73 4.85 -4.74
C THR B 64 -10.70 5.54 -3.38
N THR B 65 -9.66 6.33 -3.10
CA THR B 65 -9.38 6.74 -1.73
C THR B 65 -10.47 7.66 -1.18
N GLN B 66 -11.00 8.57 -2.01
CA GLN B 66 -12.01 9.51 -1.52
C GLN B 66 -13.23 8.77 -0.98
N ALA B 67 -13.82 7.90 -1.81
CA ALA B 67 -14.99 7.16 -1.40
C ALA B 67 -14.68 6.21 -0.24
N LEU B 68 -13.51 5.58 -0.26
CA LEU B 68 -13.13 4.70 0.85
C LEU B 68 -12.98 5.50 2.15
N GLN B 69 -12.30 6.65 2.09
CA GLN B 69 -12.18 7.49 3.29
C GLN B 69 -13.56 7.94 3.78
N LEU B 70 -14.45 8.30 2.86
CA LEU B 70 -15.77 8.77 3.28
C LEU B 70 -16.58 7.63 3.88
N PHE B 71 -16.45 6.43 3.32
CA PHE B 71 -17.07 5.27 3.93
C PHE B 71 -16.53 5.05 5.35
N LEU B 72 -15.22 5.13 5.52
CA LEU B 72 -14.64 4.89 6.84
C LEU B 72 -15.09 5.95 7.83
N ARG B 73 -15.22 7.20 7.36
CA ARG B 73 -15.68 8.26 8.26
C ARG B 73 -17.07 7.95 8.82
N ALA B 74 -17.93 7.33 8.01
CA ALA B 74 -19.32 7.15 8.38
C ALA B 74 -19.58 5.85 9.15
N THR B 75 -18.62 4.94 9.19
CA THR B 75 -18.79 3.70 9.96
C THR B 75 -18.25 3.90 11.37
N THR B 76 -18.85 3.19 12.32
CA THR B 76 -18.36 3.12 13.70
C THR B 76 -17.58 1.84 13.98
N GLU B 77 -17.45 0.95 13.00
CA GLU B 77 -16.56 -0.18 13.16
C GLU B 77 -15.12 0.29 13.20
N LEU B 78 -14.34 -0.26 14.14
CA LEU B 78 -12.95 0.14 14.26
C LEU B 78 -12.10 -0.44 13.14
N ARG B 79 -12.35 -1.71 12.79
CA ARG B 79 -11.68 -2.37 11.68
C ARG B 79 -12.73 -2.96 10.73
N THR B 80 -12.64 -2.62 9.46
CA THR B 80 -13.65 -3.01 8.47
C THR B 80 -13.11 -4.14 7.62
N PHE B 81 -13.78 -5.30 7.68
CA PHE B 81 -13.43 -6.49 6.93
C PHE B 81 -14.48 -6.90 5.91
N SER B 82 -15.56 -6.13 5.75
CA SER B 82 -16.77 -6.62 5.11
C SER B 82 -17.03 -5.99 3.75
N ILE B 83 -16.10 -5.15 3.25
CA ILE B 83 -16.36 -4.43 2.03
C ILE B 83 -16.58 -5.39 0.86
N LEU B 84 -15.72 -6.40 0.72
CA LEU B 84 -15.84 -7.30 -0.42
C LEU B 84 -17.10 -8.17 -0.30
N ASN B 85 -17.41 -8.62 0.91
CA ASN B 85 -18.63 -9.39 1.08
C ASN B 85 -19.86 -8.55 0.75
N ARG B 86 -19.85 -7.28 1.14
CA ARG B 86 -20.99 -6.43 0.82
C ARG B 86 -21.10 -6.22 -0.68
N LYS B 87 -19.96 -6.08 -1.37
CA LYS B 87 -20.01 -5.93 -2.81
C LYS B 87 -20.53 -7.20 -3.47
N ALA B 88 -20.17 -8.37 -2.95
CA ALA B 88 -20.74 -9.62 -3.47
C ALA B 88 -22.25 -9.63 -3.29
N ILE B 89 -22.73 -9.23 -2.10
CA ILE B 89 -24.18 -9.19 -1.89
C ILE B 89 -24.84 -8.21 -2.86
N ASP B 90 -24.24 -7.03 -3.04
CA ASP B 90 -24.82 -6.05 -3.95
C ASP B 90 -24.81 -6.55 -5.40
N PHE B 91 -23.77 -7.29 -5.79
CA PHE B 91 -23.77 -7.91 -7.12
C PHE B 91 -25.00 -8.77 -7.31
N LEU B 92 -25.35 -9.56 -6.30
CA LEU B 92 -26.50 -10.45 -6.39
C LEU B 92 -27.82 -9.69 -6.36
N LEU B 93 -27.94 -8.69 -5.47
CA LEU B 93 -29.19 -7.95 -5.38
C LEU B 93 -29.48 -7.18 -6.66
N GLN B 94 -28.45 -6.64 -7.33
CA GLN B 94 -28.71 -5.93 -8.56
C GLN B 94 -29.33 -6.83 -9.60
N ARG B 95 -28.96 -8.11 -9.64
CA ARG B 95 -29.45 -9.03 -10.64
C ARG B 95 -30.70 -9.76 -10.20
N TRP B 96 -30.78 -10.17 -8.94
CA TRP B 96 -31.82 -11.06 -8.46
C TRP B 96 -32.64 -10.46 -7.33
N GLY B 97 -32.50 -9.16 -7.07
CA GLY B 97 -33.25 -8.49 -6.02
C GLY B 97 -34.68 -8.19 -6.38
N GLY B 98 -35.08 -8.41 -7.63
CA GLY B 98 -36.46 -8.24 -8.02
C GLY B 98 -36.93 -9.40 -8.87
N THR B 99 -38.11 -9.27 -9.47
CA THR B 99 -38.58 -10.29 -10.39
C THR B 99 -37.76 -10.22 -11.68
N CYS B 100 -37.34 -11.39 -12.15
CA CYS B 100 -36.53 -11.49 -13.37
C CYS B 100 -37.49 -11.60 -14.55
N HIS B 101 -37.67 -10.51 -15.29
CA HIS B 101 -38.49 -10.51 -16.50
C HIS B 101 -37.65 -11.03 -17.66
N ILE B 102 -37.94 -12.25 -18.10
CA ILE B 102 -37.10 -12.89 -19.13
C ILE B 102 -37.05 -12.06 -20.40
N LEU B 103 -35.84 -11.97 -20.97
CA LEU B 103 -35.47 -11.17 -22.13
C LEU B 103 -35.52 -9.67 -21.86
N GLY B 104 -35.73 -9.27 -20.60
CA GLY B 104 -35.52 -7.89 -20.21
C GLY B 104 -34.05 -7.59 -20.02
N PRO B 105 -33.68 -6.30 -20.04
CA PRO B 105 -32.26 -5.94 -19.94
C PRO B 105 -31.64 -6.20 -18.57
N ASP B 106 -32.43 -6.23 -17.50
CA ASP B 106 -31.90 -6.45 -16.16
C ASP B 106 -32.16 -7.86 -15.66
N CYS B 107 -32.54 -8.78 -16.55
CA CYS B 107 -32.74 -10.19 -16.20
C CYS B 107 -31.66 -11.01 -16.89
N CYS B 108 -30.74 -11.56 -16.10
CA CYS B 108 -29.62 -12.35 -16.61
C CYS B 108 -30.01 -13.82 -16.79
N ILE B 109 -31.06 -14.06 -17.57
CA ILE B 109 -31.53 -15.40 -17.89
C ILE B 109 -31.45 -15.58 -19.40
N GLU B 110 -30.69 -16.58 -19.83
CA GLU B 110 -30.57 -16.89 -21.25
C GLU B 110 -31.49 -18.05 -21.59
N PRO B 111 -32.58 -17.84 -22.34
CA PRO B 111 -33.40 -18.97 -22.79
C PRO B 111 -33.01 -19.49 -24.16
N ALA B 112 -31.77 -19.26 -24.59
CA ALA B 112 -31.34 -19.56 -25.96
C ALA B 112 -31.46 -21.04 -26.30
N ASP B 113 -30.51 -21.85 -25.83
CA ASP B 113 -30.48 -23.29 -26.12
C ASP B 113 -31.87 -23.90 -26.08
N TRP B 114 -32.72 -23.38 -25.20
CA TRP B 114 -33.99 -24.02 -24.89
C TRP B 114 -35.17 -23.44 -25.67
N THR B 115 -35.03 -22.25 -26.25
CA THR B 115 -35.99 -21.86 -27.28
C THR B 115 -35.86 -22.76 -28.50
N LYS B 116 -34.66 -23.25 -28.77
CA LYS B 116 -34.40 -24.31 -29.74
C LYS B 116 -34.82 -25.69 -29.24
N ASN B 117 -35.30 -25.79 -28.01
CA ASN B 117 -35.86 -27.04 -27.50
C ASN B 117 -37.37 -27.11 -27.66
N ILE B 118 -38.04 -25.99 -27.88
CA ILE B 118 -39.47 -25.95 -28.13
C ILE B 118 -39.77 -25.62 -29.60
N THR B 119 -39.07 -24.64 -30.17
CA THR B 119 -39.21 -24.37 -31.60
C THR B 119 -38.68 -25.53 -32.43
N ASP B 120 -37.73 -26.30 -31.89
CA ASP B 120 -37.26 -27.50 -32.55
C ASP B 120 -38.21 -28.67 -32.35
N LYS B 121 -39.02 -28.64 -31.28
CA LYS B 121 -39.98 -29.68 -30.98
C LYS B 121 -41.38 -29.34 -31.49
N ILE B 122 -41.51 -28.32 -32.34
CA ILE B 122 -42.79 -28.08 -33.01
C ILE B 122 -42.99 -29.09 -34.12
N ASP B 123 -41.90 -29.52 -34.78
CA ASP B 123 -41.97 -30.56 -35.80
C ASP B 123 -42.26 -31.92 -35.16
N GLN B 124 -42.80 -31.89 -33.93
CA GLN B 124 -43.36 -33.05 -33.27
C GLN B 124 -44.86 -32.87 -33.02
N ILE B 125 -45.46 -31.85 -33.62
CA ILE B 125 -46.89 -31.57 -33.46
C ILE B 125 -47.44 -31.00 -34.75
N ILE B 126 -46.56 -30.46 -35.59
CA ILE B 126 -46.93 -29.92 -36.89
C ILE B 126 -46.47 -30.83 -38.03
N HIS B 127 -45.20 -31.22 -38.02
CA HIS B 127 -44.69 -32.14 -39.03
C HIS B 127 -45.15 -33.57 -38.79
N ASP B 128 -45.57 -33.90 -37.56
CA ASP B 128 -46.11 -35.22 -37.25
C ASP B 128 -47.55 -35.37 -37.69
N PHE B 129 -48.18 -34.30 -38.18
CA PHE B 129 -49.57 -34.33 -38.62
C PHE B 129 -49.84 -35.56 -39.49
N VAL B 130 -50.90 -36.28 -39.16
CA VAL B 130 -51.29 -37.46 -39.93
C VAL B 130 -52.76 -37.36 -40.34
C1 NAG C . -3.95 10.70 -6.15
C2 NAG C . -3.43 11.19 -4.78
C3 NAG C . -3.34 12.70 -4.77
C4 NAG C . -2.51 13.22 -5.95
C5 NAG C . -3.02 12.64 -7.25
C6 NAG C . -2.11 12.93 -8.41
C7 NAG C . -3.89 10.02 -2.67
C8 NAG C . -4.94 9.64 -1.66
N2 NAG C . -4.32 10.73 -3.72
O3 NAG C . -2.76 13.12 -3.53
O4 NAG C . -2.63 14.63 -6.04
O5 NAG C . -3.12 11.20 -7.17
O6 NAG C . -0.82 12.35 -8.20
O7 NAG C . -2.72 9.69 -2.53
C1 NAG C . -1.78 15.34 -5.11
C2 NAG C . -0.92 16.35 -5.86
C3 NAG C . -0.07 17.16 -4.89
C4 NAG C . -0.96 17.84 -3.85
C5 NAG C . -1.84 16.80 -3.15
C6 NAG C . -2.86 17.44 -2.23
C7 NAG C . -0.15 15.95 -8.15
C8 NAG C . 0.79 15.18 -9.04
N2 NAG C . -0.07 15.69 -6.84
O3 NAG C . 0.67 18.14 -5.61
O4 NAG C . -0.17 18.52 -2.90
O5 NAG C . -2.58 16.04 -4.12
O6 NAG C . -3.81 16.48 -1.77
O7 NAG C . -0.97 16.75 -8.61
C1 BMA C . -0.34 19.95 -3.02
C2 BMA C . -0.28 20.54 -1.59
C3 BMA C . -0.28 22.07 -1.64
C4 BMA C . 0.74 22.62 -2.65
C5 BMA C . 0.52 21.97 -4.03
C6 BMA C . 1.51 22.46 -5.09
O2 BMA C . 0.91 20.14 -0.94
O3 BMA C . -0.06 22.63 -0.35
O4 BMA C . 0.61 24.02 -2.77
O5 BMA C . 0.64 20.54 -3.88
O6 BMA C . 2.71 21.68 -4.98
C1 MAN C . 3.78 22.17 -5.84
C2 MAN C . 4.15 23.66 -5.36
C3 MAN C . 3.60 24.77 -6.26
C4 MAN C . 3.69 24.39 -7.72
C5 MAN C . 2.80 23.18 -7.93
C6 MAN C . 2.64 22.80 -9.40
O2 MAN C . 5.57 23.84 -5.33
O3 MAN C . 4.27 26.01 -6.04
O4 MAN C . 3.22 25.45 -8.55
O5 MAN C . 3.41 22.04 -7.26
O6 MAN C . 1.58 21.85 -9.50
C1 NAG D . 26.85 0.99 9.16
C2 NAG D . 25.77 -0.09 9.27
C3 NAG D . 26.21 -1.19 10.24
C4 NAG D . 27.56 -1.74 9.83
C5 NAG D . 28.57 -0.61 9.75
C6 NAG D . 29.93 -1.05 9.27
C7 NAG D . 23.39 0.44 8.96
C8 NAG D . 22.18 1.11 9.54
N2 NAG D . 24.51 0.49 9.70
O3 NAG D . 25.23 -2.22 10.26
O4 NAG D . 28.00 -2.72 10.75
O5 NAG D . 28.10 0.38 8.82
O6 NAG D . 29.93 -2.41 8.86
O7 NAG D . 23.36 -0.12 7.87
C1 NAG E . 7.36 28.24 9.49
C2 NAG E . 6.27 29.21 9.90
C3 NAG E . 6.27 30.44 8.99
C4 NAG E . 6.89 30.11 7.63
C5 NAG E . 8.32 29.56 7.76
C6 NAG E . 9.37 30.63 7.64
C7 NAG E . 4.06 28.78 10.88
C8 NAG E . 2.77 28.04 10.73
N2 NAG E . 4.97 28.58 9.92
O3 NAG E . 6.99 31.49 9.61
O4 NAG E . 6.08 29.18 6.94
O5 NAG E . 8.50 28.95 9.05
O6 NAG E . 9.68 30.90 6.27
O7 NAG E . 4.28 29.52 11.83
C1 NAG F . 22.84 2.76 21.21
C2 NAG F . 23.20 1.50 22.02
C3 NAG F . 21.97 0.61 22.21
C4 NAG F . 20.82 1.42 22.79
C5 NAG F . 20.55 2.64 21.93
C6 NAG F . 19.47 3.54 22.49
C7 NAG F . 25.52 0.72 21.81
C8 NAG F . 26.48 -0.10 21.01
N2 NAG F . 24.27 0.75 21.36
O3 NAG F . 22.30 -0.47 23.08
O4 NAG F . 19.65 0.61 22.86
O5 NAG F . 21.74 3.44 21.84
O6 NAG F . 19.84 4.08 23.75
O7 NAG F . 25.87 1.34 22.81
C1 NAG G . 40.03 10.13 16.02
C2 NAG G . 40.28 8.85 15.21
C3 NAG G . 40.43 9.19 13.73
C4 NAG G . 39.24 10.00 13.23
C5 NAG G . 39.10 11.25 14.10
C6 NAG G . 37.90 12.09 13.74
C7 NAG G . 41.74 6.88 15.34
C8 NAG G . 42.98 6.32 15.93
N2 NAG G . 41.45 8.15 15.70
O3 NAG G . 40.55 7.98 12.98
O4 NAG G . 39.44 10.39 11.87
O5 NAG G . 38.92 10.86 15.47
O6 NAG G . 37.61 13.03 14.76
O7 NAG G . 41.02 6.24 14.58
C1 GOL H . 0.15 8.40 23.24
O1 GOL H . -0.70 7.29 23.26
C2 GOL H . -0.45 9.44 22.26
O2 GOL H . -1.31 8.87 21.36
C3 GOL H . -1.16 10.47 23.16
O3 GOL H . -1.79 11.37 22.29
S DMS I . 14.57 -10.24 7.29
O DMS I . 15.06 -9.45 6.11
C1 DMS I . 13.15 -9.40 8.04
C2 DMS I . 13.78 -11.77 6.69
C1 GOL J . 11.76 -2.97 -4.39
O1 GOL J . 12.92 -2.47 -3.80
C2 GOL J . 11.70 -4.47 -3.98
O2 GOL J . 11.64 -4.62 -2.59
C3 GOL J . 10.44 -5.02 -4.68
O3 GOL J . 10.77 -5.23 -6.01
S DMS K . -15.07 -10.29 -15.07
O DMS K . -15.43 -11.73 -14.97
C1 DMS K . -13.72 -10.08 -16.27
C2 DMS K . -16.38 -9.38 -15.91
C1 GOL L . -7.60 12.82 -4.70
O1 GOL L . -6.52 13.13 -5.53
C2 GOL L . -8.05 11.40 -5.09
O2 GOL L . -7.08 10.45 -4.83
C3 GOL L . -9.35 11.14 -4.28
O3 GOL L . -9.66 9.79 -4.40
C1 GOL M . -5.05 0.91 -19.93
O1 GOL M . -5.39 0.21 -21.08
C2 GOL M . -5.89 0.35 -18.76
O2 GOL M . -5.57 -0.97 -18.45
C3 GOL M . -5.62 1.31 -17.58
O3 GOL M . -6.05 2.57 -17.96
S DMS N . 9.75 -3.54 -9.65
O DMS N . 9.44 -3.05 -8.27
C1 DMS N . 11.53 -3.32 -9.99
C2 DMS N . 9.63 -5.34 -9.72
CAA RTZ O . -2.86 -11.85 -9.00
CAB RTZ O . -10.13 -5.85 -12.26
CAC RTZ O . -0.87 -9.95 -14.53
CAD RTZ O . -0.31 -8.67 -14.54
CAE RTZ O . -2.70 -7.87 -7.61
CAF RTZ O . -2.54 -8.96 -6.60
CAG RTZ O . -3.67 -8.21 -8.69
CAH RTZ O . -2.11 -10.16 -13.94
CAI RTZ O . -0.99 -7.61 -13.95
CAJ RTZ O . -6.94 -5.85 -12.18
CAK RTZ O . -5.57 -5.65 -12.32
CAL RTZ O . -4.66 -9.76 -10.25
CAM RTZ O . -2.30 -10.30 -7.27
CAN RTZ O . -4.23 -10.31 -11.61
CAO RTZ O . -6.64 -8.23 -12.34
CAP RTZ O . -3.46 -9.58 -9.33
CAQ RTZ O . -7.47 -7.14 -12.19
CAR RTZ O . -2.79 -9.08 -13.36
CAS RTZ O . -5.25 -8.03 -12.50
CAT RTZ O . -2.23 -7.81 -13.36
CAU RTZ O . -4.73 -6.75 -12.47
NAV RTZ O . -3.33 -10.66 -8.30
NAW RTZ O . -4.25 -9.32 -12.68
SAX RTZ O . -9.25 -7.41 -12.00
SAY RTZ O . -3.08 -6.55 -12.65
#